data_1HY9
#
_entry.id   1HY9
#
_cell.length_a   ?
_cell.length_b   ?
_cell.length_c   ?
_cell.angle_alpha   ?
_cell.angle_beta   ?
_cell.angle_gamma   ?
#
_entity_poly.entity_id   1
_entity_poly.type   'polypeptide(L)'
_entity_poly.pdbx_seq_one_letter_code
;YGQVPMCDAGEQCAVRKGARIGKLCDCPRGTSCNSFLLKCL
;
_entity_poly.pdbx_strand_id   A
#
# COMPACT_ATOMS: atom_id res chain seq x y z
N TYR A 1 -4.89 11.66 -13.16
CA TYR A 1 -4.16 12.07 -11.93
C TYR A 1 -4.47 11.09 -10.79
N GLY A 2 -3.48 10.35 -10.32
CA GLY A 2 -3.71 9.38 -9.20
C GLY A 2 -3.69 7.93 -9.70
N GLN A 3 -3.45 7.70 -10.97
CA GLN A 3 -3.42 6.30 -11.50
C GLN A 3 -2.24 5.53 -10.87
N VAL A 4 -2.49 4.35 -10.38
CA VAL A 4 -1.40 3.54 -9.76
C VAL A 4 -1.57 2.06 -10.10
N PRO A 5 -0.49 1.31 -9.98
CA PRO A 5 -0.48 -0.15 -10.25
C PRO A 5 -1.39 -0.85 -9.22
N MET A 6 -2.18 -1.79 -9.66
CA MET A 6 -3.10 -2.51 -8.71
C MET A 6 -2.26 -3.30 -7.70
N CYS A 7 -2.48 -3.07 -6.42
CA CYS A 7 -1.67 -3.79 -5.38
C CYS A 7 -2.36 -5.09 -4.96
N ASP A 8 -1.59 -6.06 -4.54
CA ASP A 8 -2.18 -7.37 -4.09
C ASP A 8 -2.52 -7.28 -2.58
N ALA A 9 -3.15 -8.30 -2.04
CA ALA A 9 -3.53 -8.29 -0.60
C ALA A 9 -2.28 -8.31 0.30
N GLY A 10 -1.35 -9.20 0.04
CA GLY A 10 -0.10 -9.28 0.88
C GLY A 10 0.97 -8.35 0.33
N GLU A 11 1.05 -8.23 -0.98
CA GLU A 11 2.08 -7.34 -1.62
C GLU A 11 2.17 -5.99 -0.89
N GLN A 12 3.33 -5.38 -0.89
CA GLN A 12 3.51 -4.08 -0.20
C GLN A 12 2.82 -2.94 -0.99
N CYS A 13 1.86 -2.29 -0.38
CA CYS A 13 1.15 -1.17 -1.07
C CYS A 13 1.78 0.18 -0.69
N ALA A 14 2.63 0.20 0.31
CA ALA A 14 3.28 1.47 0.75
C ALA A 14 4.39 1.16 1.77
N VAL A 15 5.55 1.76 1.63
CA VAL A 15 6.66 1.48 2.60
C VAL A 15 6.74 2.55 3.70
N ARG A 16 6.70 2.13 4.94
CA ARG A 16 6.80 3.10 6.08
C ARG A 16 8.25 3.09 6.58
N LYS A 17 9.01 4.09 6.23
CA LYS A 17 10.44 4.15 6.67
C LYS A 17 10.98 5.58 6.50
N GLY A 18 12.03 5.91 7.23
CA GLY A 18 12.61 7.28 7.13
C GLY A 18 11.68 8.27 7.83
N ALA A 19 10.54 8.54 7.22
CA ALA A 19 9.57 9.49 7.84
C ALA A 19 8.21 9.36 7.15
N ARG A 20 8.15 9.57 5.86
CA ARG A 20 6.86 9.47 5.12
C ARG A 20 6.66 8.05 4.54
N ILE A 21 5.49 7.78 4.01
CA ILE A 21 5.21 6.44 3.44
C ILE A 21 5.57 6.42 1.95
N GLY A 22 6.04 5.29 1.47
CA GLY A 22 6.41 5.17 0.02
C GLY A 22 5.29 4.45 -0.71
N LYS A 23 4.45 5.17 -1.40
CA LYS A 23 3.31 4.54 -2.13
C LYS A 23 3.82 3.57 -3.21
N LEU A 24 3.22 2.40 -3.30
CA LEU A 24 3.64 1.40 -4.34
C LEU A 24 2.45 1.07 -5.24
N CYS A 25 1.36 0.63 -4.67
CA CYS A 25 0.15 0.27 -5.47
C CYS A 25 -1.11 0.44 -4.60
N ASP A 26 -2.28 0.53 -5.21
CA ASP A 26 -3.52 0.70 -4.40
C ASP A 26 -4.05 -0.67 -3.94
N CYS A 27 -4.65 -0.71 -2.78
CA CYS A 27 -5.18 -2.00 -2.24
C CYS A 27 -6.48 -2.40 -2.95
N PRO A 28 -6.62 -3.67 -3.21
CA PRO A 28 -7.81 -4.26 -3.88
C PRO A 28 -9.09 -3.93 -3.10
N ARG A 29 -10.19 -3.71 -3.81
CA ARG A 29 -11.49 -3.37 -3.15
C ARG A 29 -11.73 -4.28 -1.93
N GLY A 30 -11.94 -3.69 -0.77
CA GLY A 30 -12.17 -4.50 0.46
C GLY A 30 -10.89 -4.49 1.32
N THR A 31 -9.77 -4.10 0.77
CA THR A 31 -8.50 -4.07 1.56
C THR A 31 -7.93 -2.64 1.59
N SER A 32 -7.46 -2.22 2.73
CA SER A 32 -6.89 -0.85 2.88
C SER A 32 -5.35 -0.91 2.93
N CYS A 33 -4.70 0.22 3.02
CA CYS A 33 -3.21 0.24 3.08
C CYS A 33 -2.75 0.39 4.53
N ASN A 34 -2.24 -0.66 5.13
CA ASN A 34 -1.76 -0.57 6.54
C ASN A 34 -0.33 -0.01 6.57
N SER A 35 -0.17 1.20 7.08
CA SER A 35 1.20 1.83 7.14
C SER A 35 2.07 1.14 8.19
N PHE A 36 1.46 0.39 9.11
CA PHE A 36 2.26 -0.32 10.16
C PHE A 36 2.72 -1.68 9.61
N LEU A 37 1.79 -2.43 9.05
CA LEU A 37 2.12 -3.78 8.51
C LEU A 37 2.62 -3.68 7.06
N LEU A 38 2.28 -2.61 6.36
CA LEU A 38 2.70 -2.45 4.93
C LEU A 38 2.02 -3.54 4.07
N LYS A 39 0.83 -3.94 4.45
CA LYS A 39 0.06 -4.97 3.70
C LYS A 39 -1.32 -4.40 3.34
N CYS A 40 -2.04 -5.03 2.45
CA CYS A 40 -3.39 -4.52 2.08
C CYS A 40 -4.43 -5.05 3.07
N LEU A 41 -4.52 -4.44 4.22
CA LEU A 41 -5.51 -4.88 5.25
C LEU A 41 -6.61 -3.81 5.35
N TYR A 1 0.20 4.18 -17.39
CA TYR A 1 0.51 4.49 -15.95
C TYR A 1 -0.70 5.19 -15.31
N GLY A 2 -0.78 6.50 -15.42
CA GLY A 2 -1.93 7.24 -14.81
C GLY A 2 -1.78 7.28 -13.28
N GLN A 3 -1.96 6.16 -12.64
CA GLN A 3 -1.82 6.11 -11.15
C GLN A 3 -0.94 4.90 -10.76
N VAL A 4 -0.82 4.63 -9.48
CA VAL A 4 0.03 3.49 -9.03
C VAL A 4 -0.62 2.15 -9.43
N PRO A 5 0.21 1.16 -9.66
CA PRO A 5 -0.24 -0.20 -10.05
C PRO A 5 -1.18 -0.79 -8.98
N MET A 6 -2.31 -1.31 -9.39
CA MET A 6 -3.28 -1.90 -8.43
C MET A 6 -2.65 -3.13 -7.75
N CYS A 7 -2.62 -3.14 -6.45
CA CYS A 7 -2.04 -4.31 -5.71
C CYS A 7 -3.16 -5.34 -5.42
N ASP A 8 -2.81 -6.48 -4.86
CA ASP A 8 -3.84 -7.50 -4.53
C ASP A 8 -4.14 -7.47 -3.02
N ALA A 9 -4.81 -8.46 -2.50
CA ALA A 9 -5.12 -8.50 -1.04
C ALA A 9 -3.96 -9.17 -0.29
N GLY A 10 -3.35 -8.45 0.63
CA GLY A 10 -2.20 -9.02 1.42
C GLY A 10 -0.86 -8.70 0.75
N GLU A 11 -0.81 -7.72 -0.14
CA GLU A 11 0.48 -7.38 -0.82
C GLU A 11 1.05 -6.06 -0.27
N GLN A 12 2.36 -5.91 -0.31
CA GLN A 12 3.00 -4.65 0.20
C GLN A 12 2.72 -3.48 -0.77
N CYS A 13 2.09 -2.43 -0.28
CA CYS A 13 1.78 -1.25 -1.16
C CYS A 13 2.47 0.03 -0.67
N ALA A 14 3.21 -0.04 0.41
CA ALA A 14 3.89 1.19 0.93
C ALA A 14 4.98 0.82 1.96
N VAL A 15 5.90 1.72 2.20
CA VAL A 15 7.00 1.45 3.21
C VAL A 15 7.10 2.64 4.17
N ARG A 16 7.27 2.37 5.45
CA ARG A 16 7.39 3.48 6.45
C ARG A 16 8.85 3.87 6.65
N LYS A 17 9.28 4.99 6.11
CA LYS A 17 10.70 5.43 6.26
C LYS A 17 10.81 6.95 6.06
N GLY A 18 10.96 7.70 7.13
CA GLY A 18 11.08 9.20 7.02
C GLY A 18 9.69 9.85 7.15
N ALA A 19 9.60 11.11 6.77
CA ALA A 19 8.29 11.84 6.86
C ALA A 19 7.47 11.64 5.57
N ARG A 20 7.53 10.46 4.98
CA ARG A 20 6.75 10.20 3.73
C ARG A 20 6.68 8.70 3.48
N ILE A 21 5.48 8.16 3.41
CA ILE A 21 5.33 6.69 3.17
C ILE A 21 5.78 6.35 1.74
N GLY A 22 6.58 5.33 1.59
CA GLY A 22 7.07 4.92 0.23
C GLY A 22 5.97 4.15 -0.50
N LYS A 23 5.07 4.86 -1.12
CA LYS A 23 3.94 4.19 -1.87
C LYS A 23 4.49 3.22 -2.93
N LEU A 24 4.01 2.00 -2.93
CA LEU A 24 4.47 1.00 -3.94
C LEU A 24 3.33 0.69 -4.93
N CYS A 25 2.15 0.46 -4.44
CA CYS A 25 0.97 0.14 -5.32
C CYS A 25 -0.34 0.57 -4.63
N ASP A 26 -1.47 0.30 -5.23
CA ASP A 26 -2.77 0.70 -4.61
C ASP A 26 -3.51 -0.54 -4.06
N CYS A 27 -4.13 -0.42 -2.91
CA CYS A 27 -4.87 -1.58 -2.31
C CYS A 27 -6.25 -1.75 -2.96
N PRO A 28 -6.56 -2.98 -3.31
CA PRO A 28 -7.86 -3.34 -3.94
C PRO A 28 -9.03 -2.97 -3.02
N ARG A 29 -10.12 -2.50 -3.61
CA ARG A 29 -11.33 -2.11 -2.82
C ARG A 29 -11.64 -3.18 -1.75
N GLY A 30 -11.58 -2.81 -0.50
CA GLY A 30 -11.86 -3.79 0.60
C GLY A 30 -10.57 -4.07 1.39
N THR A 31 -9.42 -3.81 0.79
CA THR A 31 -8.11 -4.05 1.49
C THR A 31 -7.43 -2.71 1.80
N SER A 32 -6.81 -2.60 2.95
CA SER A 32 -6.13 -1.33 3.33
C SER A 32 -4.61 -1.56 3.42
N CYS A 33 -3.82 -0.55 3.14
CA CYS A 33 -2.33 -0.70 3.23
C CYS A 33 -1.92 -0.69 4.69
N ASN A 34 -1.94 -1.84 5.33
CA ASN A 34 -1.58 -1.94 6.77
C ASN A 34 -0.27 -1.17 7.04
N SER A 35 -0.33 -0.15 7.86
CA SER A 35 0.90 0.65 8.18
C SER A 35 1.84 -0.16 9.10
N PHE A 36 1.32 -1.14 9.81
CA PHE A 36 2.19 -1.94 10.72
C PHE A 36 2.82 -3.11 9.95
N LEU A 37 2.06 -3.75 9.08
CA LEU A 37 2.61 -4.90 8.29
C LEU A 37 3.01 -4.44 6.87
N LEU A 38 2.63 -3.24 6.50
CA LEU A 38 2.96 -2.73 5.13
C LEU A 38 2.35 -3.67 4.07
N LYS A 39 1.06 -3.91 4.15
CA LYS A 39 0.40 -4.84 3.17
C LYS A 39 -1.07 -4.44 2.95
N CYS A 40 -1.57 -4.65 1.75
CA CYS A 40 -3.00 -4.32 1.45
C CYS A 40 -3.91 -5.37 2.06
N LEU A 41 -4.22 -5.24 3.32
CA LEU A 41 -5.11 -6.25 3.99
C LEU A 41 -6.57 -5.79 3.90
N TYR A 1 -6.35 9.93 -10.63
CA TYR A 1 -5.47 10.99 -10.04
C TYR A 1 -4.07 10.40 -9.80
N GLY A 2 -3.31 10.96 -8.88
CA GLY A 2 -1.94 10.42 -8.58
C GLY A 2 -2.06 9.03 -7.94
N GLN A 3 -2.28 8.02 -8.74
CA GLN A 3 -2.44 6.64 -8.20
C GLN A 3 -1.25 5.76 -8.62
N VAL A 4 -1.25 4.53 -8.18
CA VAL A 4 -0.14 3.59 -8.53
C VAL A 4 -0.76 2.26 -9.00
N PRO A 5 0.06 1.38 -9.53
CA PRO A 5 -0.39 0.06 -10.02
C PRO A 5 -1.16 -0.65 -8.89
N MET A 6 -2.38 -1.04 -9.13
CA MET A 6 -3.20 -1.70 -8.07
C MET A 6 -2.46 -2.92 -7.50
N CYS A 7 -2.40 -3.01 -6.19
CA CYS A 7 -1.71 -4.17 -5.54
C CYS A 7 -2.70 -5.32 -5.33
N ASP A 8 -2.25 -6.41 -4.76
CA ASP A 8 -3.16 -7.56 -4.51
C ASP A 8 -3.55 -7.61 -3.02
N ALA A 9 -4.30 -8.62 -2.62
CA ALA A 9 -4.71 -8.72 -1.19
C ALA A 9 -3.57 -9.29 -0.34
N GLY A 10 -3.27 -8.65 0.76
CA GLY A 10 -2.16 -9.14 1.65
C GLY A 10 -0.80 -8.76 1.05
N GLU A 11 -0.76 -7.94 0.02
CA GLU A 11 0.56 -7.55 -0.58
C GLU A 11 0.99 -6.17 -0.07
N GLN A 12 2.27 -5.90 -0.09
CA GLN A 12 2.80 -4.59 0.41
C GLN A 12 2.43 -3.46 -0.57
N CYS A 13 1.86 -2.41 -0.06
CA CYS A 13 1.46 -1.27 -0.95
C CYS A 13 2.24 0.00 -0.59
N ALA A 14 3.27 -0.10 0.21
CA ALA A 14 4.07 1.12 0.58
C ALA A 14 5.33 0.73 1.37
N VAL A 15 6.32 1.59 1.36
CA VAL A 15 7.59 1.31 2.10
C VAL A 15 7.75 2.30 3.26
N ARG A 16 8.14 1.82 4.43
CA ARG A 16 8.31 2.72 5.60
C ARG A 16 9.76 3.19 5.70
N LYS A 17 10.08 4.29 5.07
CA LYS A 17 11.47 4.83 5.12
C LYS A 17 11.40 6.33 5.49
N GLY A 18 11.45 6.64 6.75
CA GLY A 18 11.37 8.06 7.21
C GLY A 18 9.94 8.38 7.66
N ALA A 19 9.63 9.66 7.84
CA ALA A 19 8.26 10.05 8.27
C ALA A 19 7.27 9.98 7.10
N ARG A 20 7.76 10.05 5.88
CA ARG A 20 6.85 9.99 4.70
C ARG A 20 6.84 8.56 4.14
N ILE A 21 5.71 7.91 4.20
CA ILE A 21 5.61 6.50 3.70
C ILE A 21 5.73 6.46 2.17
N GLY A 22 6.37 5.46 1.63
CA GLY A 22 6.54 5.37 0.14
C GLY A 22 5.47 4.45 -0.45
N LYS A 23 4.38 5.01 -0.93
CA LYS A 23 3.28 4.18 -1.54
C LYS A 23 3.83 3.40 -2.75
N LEU A 24 3.42 2.16 -2.90
CA LEU A 24 3.92 1.33 -4.04
C LEU A 24 2.77 0.96 -4.98
N CYS A 25 1.67 0.50 -4.43
CA CYS A 25 0.52 0.09 -5.27
C CYS A 25 -0.80 0.36 -4.53
N ASP A 26 -1.85 0.68 -5.23
CA ASP A 26 -3.15 0.95 -4.55
C ASP A 26 -3.79 -0.38 -4.10
N CYS A 27 -4.24 -0.45 -2.86
CA CYS A 27 -4.85 -1.73 -2.34
C CYS A 27 -6.14 -2.06 -3.08
N PRO A 28 -6.30 -3.33 -3.42
CA PRO A 28 -7.50 -3.85 -4.11
C PRO A 28 -8.76 -3.60 -3.27
N ARG A 29 -9.88 -3.40 -3.93
CA ARG A 29 -11.17 -3.16 -3.20
C ARG A 29 -11.34 -4.17 -2.06
N GLY A 30 -11.51 -3.69 -0.85
CA GLY A 30 -11.68 -4.61 0.32
C GLY A 30 -10.40 -4.64 1.16
N THR A 31 -9.26 -4.41 0.57
CA THR A 31 -7.98 -4.43 1.35
C THR A 31 -7.51 -3.00 1.64
N SER A 32 -6.94 -2.78 2.80
CA SER A 32 -6.47 -1.42 3.19
C SER A 32 -4.93 -1.37 3.27
N CYS A 33 -4.36 -0.20 3.13
CA CYS A 33 -2.86 -0.06 3.21
C CYS A 33 -2.46 0.14 4.69
N ASN A 34 -2.38 -0.93 5.43
CA ASN A 34 -2.00 -0.81 6.88
C ASN A 34 -0.66 -0.04 7.01
N SER A 35 -0.66 1.04 7.74
CA SER A 35 0.59 1.86 7.90
C SER A 35 1.61 1.16 8.83
N PHE A 36 1.17 0.17 9.58
CA PHE A 36 2.11 -0.55 10.50
C PHE A 36 2.84 -1.65 9.72
N LEU A 37 2.12 -2.48 9.00
CA LEU A 37 2.78 -3.57 8.21
C LEU A 37 2.91 -3.17 6.72
N LEU A 38 2.21 -2.14 6.30
CA LEU A 38 2.28 -1.68 4.86
C LEU A 38 1.75 -2.76 3.89
N LYS A 39 0.91 -3.64 4.38
CA LYS A 39 0.36 -4.72 3.49
C LYS A 39 -1.13 -4.44 3.18
N CYS A 40 -1.56 -4.74 1.97
CA CYS A 40 -2.98 -4.50 1.58
C CYS A 40 -3.89 -5.51 2.29
N LEU A 41 -4.34 -5.19 3.49
CA LEU A 41 -5.22 -6.13 4.24
C LEU A 41 -6.59 -5.47 4.49
N TYR A 1 -1.48 4.78 -15.18
CA TYR A 1 -0.64 6.01 -15.20
C TYR A 1 -1.15 7.00 -14.14
N GLY A 2 -0.32 7.96 -13.76
CA GLY A 2 -0.75 8.96 -12.72
C GLY A 2 -0.65 8.33 -11.33
N GLN A 3 -1.48 7.35 -11.04
CA GLN A 3 -1.43 6.68 -9.70
C GLN A 3 -0.58 5.39 -9.78
N VAL A 4 -0.34 4.77 -8.65
CA VAL A 4 0.47 3.50 -8.63
C VAL A 4 -0.38 2.33 -9.15
N PRO A 5 0.30 1.27 -9.56
CA PRO A 5 -0.35 0.05 -10.08
C PRO A 5 -1.24 -0.57 -9.00
N MET A 6 -2.23 -1.34 -9.38
CA MET A 6 -3.13 -1.97 -8.36
C MET A 6 -2.43 -3.18 -7.73
N CYS A 7 -2.39 -3.25 -6.43
CA CYS A 7 -1.73 -4.40 -5.74
C CYS A 7 -2.76 -5.50 -5.46
N ASP A 8 -2.32 -6.62 -4.93
CA ASP A 8 -3.28 -7.73 -4.62
C ASP A 8 -3.65 -7.71 -3.12
N ALA A 9 -4.44 -8.66 -2.69
CA ALA A 9 -4.85 -8.71 -1.26
C ALA A 9 -3.69 -9.20 -0.40
N GLY A 10 -3.43 -8.53 0.71
CA GLY A 10 -2.32 -8.95 1.61
C GLY A 10 -0.95 -8.69 0.96
N GLU A 11 -0.85 -7.75 0.05
CA GLU A 11 0.48 -7.48 -0.58
C GLU A 11 0.98 -6.06 -0.23
N GLN A 12 2.28 -5.88 -0.25
CA GLN A 12 2.89 -4.56 0.10
C GLN A 12 2.39 -3.44 -0.84
N CYS A 13 1.73 -2.46 -0.29
CA CYS A 13 1.20 -1.34 -1.13
C CYS A 13 1.99 -0.04 -0.90
N ALA A 14 2.75 0.02 0.16
CA ALA A 14 3.54 1.26 0.46
C ALA A 14 4.71 0.94 1.41
N VAL A 15 5.74 1.76 1.40
CA VAL A 15 6.92 1.55 2.29
C VAL A 15 6.97 2.67 3.35
N ARG A 16 7.56 2.40 4.48
CA ARG A 16 7.65 3.44 5.55
C ARG A 16 9.09 3.98 5.63
N LYS A 17 9.31 5.18 5.17
CA LYS A 17 10.69 5.78 5.20
C LYS A 17 10.82 6.68 6.44
N GLY A 18 10.64 6.10 7.60
CA GLY A 18 10.77 6.88 8.89
C GLY A 18 9.83 8.09 8.91
N ALA A 19 10.34 9.25 8.56
CA ALA A 19 9.52 10.50 8.58
C ALA A 19 8.53 10.56 7.41
N ARG A 20 8.66 9.71 6.41
CA ARG A 20 7.70 9.75 5.26
C ARG A 20 7.32 8.34 4.81
N ILE A 21 6.31 8.24 3.97
CA ILE A 21 5.85 6.91 3.47
C ILE A 21 6.07 6.82 1.95
N GLY A 22 6.05 5.64 1.39
CA GLY A 22 6.26 5.48 -0.08
C GLY A 22 5.19 4.55 -0.68
N LYS A 23 4.25 5.09 -1.41
CA LYS A 23 3.18 4.22 -2.03
C LYS A 23 3.78 3.40 -3.18
N LEU A 24 3.44 2.15 -3.25
CA LEU A 24 3.99 1.26 -4.34
C LEU A 24 2.84 0.83 -5.27
N CYS A 25 1.73 0.44 -4.71
CA CYS A 25 0.56 -0.01 -5.54
C CYS A 25 -0.74 0.25 -4.78
N ASP A 26 -1.85 0.29 -5.47
CA ASP A 26 -3.15 0.55 -4.77
C ASP A 26 -3.71 -0.75 -4.19
N CYS A 27 -4.31 -0.69 -3.04
CA CYS A 27 -4.89 -1.94 -2.42
C CYS A 27 -6.26 -2.22 -3.02
N PRO A 28 -6.47 -3.47 -3.39
CA PRO A 28 -7.75 -3.94 -3.97
C PRO A 28 -8.91 -3.67 -3.00
N ARG A 29 -10.04 -3.24 -3.51
CA ARG A 29 -11.23 -2.94 -2.64
C ARG A 29 -11.41 -4.09 -1.65
N GLY A 30 -11.46 -3.78 -0.38
CA GLY A 30 -11.59 -4.84 0.66
C GLY A 30 -10.27 -4.92 1.44
N THR A 31 -9.18 -4.57 0.80
CA THR A 31 -7.84 -4.59 1.49
C THR A 31 -7.37 -3.15 1.69
N SER A 32 -6.92 -2.83 2.87
CA SER A 32 -6.46 -1.43 3.16
C SER A 32 -4.93 -1.34 3.20
N CYS A 33 -4.39 -0.16 3.06
CA CYS A 33 -2.91 0.04 3.09
C CYS A 33 -2.44 0.18 4.55
N ASN A 34 -2.11 -0.92 5.19
CA ASN A 34 -1.65 -0.87 6.61
C ASN A 34 -0.27 -0.16 6.68
N SER A 35 -0.23 1.04 7.21
CA SER A 35 1.07 1.78 7.31
C SER A 35 2.02 1.08 8.30
N PHE A 36 1.47 0.35 9.25
CA PHE A 36 2.34 -0.37 10.24
C PHE A 36 2.91 -1.63 9.59
N LEU A 37 2.04 -2.48 9.08
CA LEU A 37 2.50 -3.76 8.43
C LEU A 37 2.98 -3.51 6.99
N LEU A 38 2.51 -2.46 6.35
CA LEU A 38 2.91 -2.14 4.94
C LEU A 38 2.39 -3.23 3.99
N LYS A 39 1.15 -3.65 4.16
CA LYS A 39 0.55 -4.70 3.29
C LYS A 39 -0.93 -4.39 3.05
N CYS A 40 -1.48 -4.82 1.93
CA CYS A 40 -2.93 -4.53 1.63
C CYS A 40 -3.83 -5.41 2.50
N LEU A 41 -4.15 -4.95 3.68
CA LEU A 41 -5.03 -5.74 4.59
C LEU A 41 -5.90 -4.76 5.40
N TYR A 1 -7.03 7.49 -12.74
CA TYR A 1 -6.73 8.83 -12.14
C TYR A 1 -5.32 8.82 -11.53
N GLY A 2 -5.02 9.72 -10.62
CA GLY A 2 -3.67 9.73 -9.98
C GLY A 2 -3.53 8.51 -9.07
N GLN A 3 -3.41 7.34 -9.65
CA GLN A 3 -3.29 6.10 -8.84
C GLN A 3 -1.99 5.35 -9.19
N VAL A 4 -1.81 4.19 -8.62
CA VAL A 4 -0.58 3.37 -8.90
C VAL A 4 -1.00 1.94 -9.29
N PRO A 5 -0.06 1.11 -9.70
CA PRO A 5 -0.35 -0.28 -10.11
C PRO A 5 -1.16 -0.99 -9.00
N MET A 6 -2.25 -1.61 -9.37
CA MET A 6 -3.12 -2.31 -8.36
C MET A 6 -2.34 -3.43 -7.66
N CYS A 7 -2.36 -3.43 -6.35
CA CYS A 7 -1.64 -4.49 -5.57
C CYS A 7 -2.59 -5.67 -5.30
N ASP A 8 -2.05 -6.82 -5.01
CA ASP A 8 -2.92 -8.00 -4.72
C ASP A 8 -3.48 -7.89 -3.28
N ALA A 9 -4.17 -8.92 -2.82
CA ALA A 9 -4.75 -8.87 -1.44
C ALA A 9 -3.72 -9.39 -0.43
N GLY A 10 -3.28 -8.55 0.48
CA GLY A 10 -2.30 -8.98 1.51
C GLY A 10 -0.86 -8.69 1.04
N GLU A 11 -0.68 -7.89 0.02
CA GLU A 11 0.71 -7.58 -0.47
C GLU A 11 1.13 -6.17 -0.01
N GLN A 12 2.42 -5.88 -0.07
CA GLN A 12 2.93 -4.53 0.36
C GLN A 12 2.49 -3.45 -0.64
N CYS A 13 1.94 -2.37 -0.15
CA CYS A 13 1.48 -1.27 -1.06
C CYS A 13 2.14 0.08 -0.68
N ALA A 14 3.17 0.06 0.14
CA ALA A 14 3.84 1.34 0.53
C ALA A 14 5.21 1.05 1.17
N VAL A 15 6.13 2.00 1.11
CA VAL A 15 7.49 1.80 1.72
C VAL A 15 7.67 2.72 2.92
N ARG A 16 8.17 2.20 4.02
CA ARG A 16 8.39 3.04 5.25
C ARG A 16 9.75 3.73 5.17
N LYS A 17 9.78 5.04 5.18
CA LYS A 17 11.07 5.78 5.12
C LYS A 17 11.10 6.84 6.23
N GLY A 18 11.89 6.61 7.26
CA GLY A 18 11.99 7.59 8.39
C GLY A 18 10.60 7.87 8.96
N ALA A 19 10.13 9.09 8.82
CA ALA A 19 8.77 9.44 9.36
C ALA A 19 7.78 9.64 8.20
N ARG A 20 8.01 9.00 7.07
CA ARG A 20 7.07 9.14 5.91
C ARG A 20 6.89 7.79 5.20
N ILE A 21 5.77 7.61 4.53
CA ILE A 21 5.51 6.31 3.83
C ILE A 21 5.41 6.54 2.31
N GLY A 22 5.97 5.65 1.53
CA GLY A 22 5.92 5.79 0.03
C GLY A 22 4.91 4.79 -0.55
N LYS A 23 3.78 5.25 -1.02
CA LYS A 23 2.75 4.31 -1.61
C LYS A 23 3.36 3.56 -2.81
N LEU A 24 3.01 2.31 -2.99
CA LEU A 24 3.59 1.52 -4.13
C LEU A 24 2.47 1.05 -5.07
N CYS A 25 1.59 0.22 -4.59
CA CYS A 25 0.48 -0.31 -5.45
C CYS A 25 -0.87 -0.08 -4.75
N ASP A 26 -1.91 0.19 -5.52
CA ASP A 26 -3.26 0.44 -4.91
C ASP A 26 -3.83 -0.86 -4.34
N CYS A 27 -4.36 -0.81 -3.15
CA CYS A 27 -4.93 -2.03 -2.50
C CYS A 27 -6.27 -2.41 -3.15
N PRO A 28 -6.48 -3.71 -3.30
CA PRO A 28 -7.72 -4.27 -3.89
C PRO A 28 -8.95 -3.87 -3.05
N ARG A 29 -10.08 -3.71 -3.70
CA ARG A 29 -11.35 -3.32 -3.01
C ARG A 29 -11.49 -3.98 -1.61
N GLY A 30 -11.73 -3.18 -0.59
CA GLY A 30 -11.89 -3.74 0.78
C GLY A 30 -10.54 -3.79 1.52
N THR A 31 -9.50 -4.24 0.87
CA THR A 31 -8.17 -4.32 1.55
C THR A 31 -7.58 -2.91 1.70
N SER A 32 -7.12 -2.57 2.87
CA SER A 32 -6.53 -1.22 3.12
C SER A 32 -5.00 -1.34 3.23
N CYS A 33 -4.29 -0.28 2.88
CA CYS A 33 -2.79 -0.32 2.98
C CYS A 33 -2.39 0.00 4.42
N ASN A 34 -2.13 -1.01 5.22
CA ASN A 34 -1.73 -0.78 6.64
C ASN A 34 -0.45 0.05 6.68
N SER A 35 -0.50 1.22 7.26
CA SER A 35 0.71 2.09 7.35
C SER A 35 1.83 1.39 8.11
N PHE A 36 1.50 0.72 9.18
CA PHE A 36 2.53 0.00 10.00
C PHE A 36 3.09 -1.21 9.24
N LEU A 37 2.23 -2.08 8.78
CA LEU A 37 2.68 -3.31 8.03
C LEU A 37 3.02 -2.97 6.58
N LEU A 38 2.41 -1.93 6.02
CA LEU A 38 2.67 -1.53 4.60
C LEU A 38 2.04 -2.52 3.61
N LYS A 39 1.22 -3.44 4.09
CA LYS A 39 0.59 -4.45 3.18
C LYS A 39 -0.93 -4.20 3.07
N CYS A 40 -1.53 -4.56 1.95
CA CYS A 40 -3.00 -4.36 1.77
C CYS A 40 -3.78 -5.36 2.62
N LEU A 41 -4.40 -4.90 3.68
CA LEU A 41 -5.19 -5.80 4.56
C LEU A 41 -6.69 -5.62 4.26
N TYR A 1 -6.81 5.27 -4.82
CA TYR A 1 -6.22 5.99 -3.65
C TYR A 1 -5.03 6.85 -4.11
N GLY A 2 -4.12 6.29 -4.88
CA GLY A 2 -2.94 7.08 -5.37
C GLY A 2 -2.57 6.64 -6.79
N GLN A 3 -1.67 7.35 -7.43
CA GLN A 3 -1.25 6.98 -8.83
C GLN A 3 -0.25 5.81 -8.79
N VAL A 4 -0.70 4.63 -8.46
CA VAL A 4 0.21 3.44 -8.40
C VAL A 4 -0.50 2.20 -8.95
N PRO A 5 0.29 1.22 -9.32
CA PRO A 5 -0.24 -0.07 -9.86
C PRO A 5 -1.15 -0.72 -8.83
N MET A 6 -2.29 -1.20 -9.25
CA MET A 6 -3.25 -1.84 -8.30
C MET A 6 -2.58 -3.06 -7.62
N CYS A 7 -2.60 -3.08 -6.32
CA CYS A 7 -1.98 -4.22 -5.57
C CYS A 7 -3.01 -5.32 -5.30
N ASP A 8 -2.56 -6.45 -4.80
CA ASP A 8 -3.48 -7.56 -4.47
C ASP A 8 -3.69 -7.59 -2.93
N ALA A 9 -4.43 -8.55 -2.44
CA ALA A 9 -4.66 -8.63 -0.97
C ALA A 9 -3.46 -9.33 -0.30
N GLY A 10 -2.78 -8.65 0.59
CA GLY A 10 -1.59 -9.26 1.28
C GLY A 10 -0.29 -8.87 0.56
N GLU A 11 -0.27 -7.75 -0.13
CA GLU A 11 0.99 -7.34 -0.83
C GLU A 11 1.48 -5.97 -0.32
N GLN A 12 2.77 -5.73 -0.39
CA GLN A 12 3.34 -4.43 0.08
C GLN A 12 2.72 -3.26 -0.70
N CYS A 13 1.89 -2.48 -0.06
CA CYS A 13 1.24 -1.32 -0.75
C CYS A 13 2.02 -0.01 -0.51
N ALA A 14 2.82 0.03 0.54
CA ALA A 14 3.60 1.27 0.85
C ALA A 14 4.76 0.95 1.79
N VAL A 15 5.74 1.82 1.85
CA VAL A 15 6.93 1.59 2.73
C VAL A 15 7.05 2.75 3.74
N ARG A 16 7.31 2.44 5.00
CA ARG A 16 7.45 3.52 6.03
C ARG A 16 8.93 3.66 6.42
N LYS A 17 9.63 4.56 5.77
CA LYS A 17 11.08 4.78 6.09
C LYS A 17 11.33 6.29 6.22
N GLY A 18 11.78 6.72 7.37
CA GLY A 18 12.04 8.19 7.58
C GLY A 18 10.76 8.87 8.05
N ALA A 19 10.11 9.62 7.17
CA ALA A 19 8.85 10.33 7.57
C ALA A 19 7.76 10.14 6.50
N ARG A 20 8.06 10.47 5.26
CA ARG A 20 7.04 10.31 4.17
C ARG A 20 6.87 8.83 3.82
N ILE A 21 5.66 8.34 3.86
CA ILE A 21 5.40 6.90 3.51
C ILE A 21 5.58 6.71 2.00
N GLY A 22 6.21 5.63 1.60
CA GLY A 22 6.44 5.38 0.14
C GLY A 22 5.33 4.50 -0.43
N LYS A 23 4.43 5.06 -1.18
CA LYS A 23 3.32 4.23 -1.77
C LYS A 23 3.87 3.37 -2.92
N LEU A 24 3.50 2.11 -2.96
CA LEU A 24 4.00 1.20 -4.05
C LEU A 24 2.83 0.78 -4.95
N CYS A 25 1.82 0.17 -4.38
CA CYS A 25 0.64 -0.26 -5.21
C CYS A 25 -0.66 0.03 -4.44
N ASP A 26 -1.71 0.34 -5.16
CA ASP A 26 -3.00 0.66 -4.49
C ASP A 26 -3.71 -0.63 -4.05
N CYS A 27 -4.14 -0.69 -2.82
CA CYS A 27 -4.83 -1.92 -2.31
C CYS A 27 -6.20 -2.08 -2.99
N PRO A 28 -6.54 -3.31 -3.31
CA PRO A 28 -7.82 -3.67 -3.98
C PRO A 28 -9.02 -3.27 -3.10
N ARG A 29 -10.17 -3.07 -3.71
CA ARG A 29 -11.40 -2.69 -2.94
C ARG A 29 -11.62 -3.67 -1.79
N GLY A 30 -11.95 -3.17 -0.63
CA GLY A 30 -12.15 -4.07 0.56
C GLY A 30 -10.87 -4.13 1.39
N THR A 31 -9.73 -4.23 0.72
CA THR A 31 -8.43 -4.28 1.44
C THR A 31 -8.02 -2.86 1.87
N SER A 32 -6.97 -2.75 2.65
CA SER A 32 -6.52 -1.41 3.11
C SER A 32 -4.98 -1.32 3.09
N CYS A 33 -4.46 -0.12 3.04
CA CYS A 33 -2.96 0.06 3.03
C CYS A 33 -2.46 0.01 4.48
N ASN A 34 -2.38 -1.18 5.03
CA ASN A 34 -1.90 -1.33 6.45
C ASN A 34 -0.52 -0.67 6.60
N SER A 35 -0.48 0.51 7.19
CA SER A 35 0.83 1.23 7.37
C SER A 35 1.70 0.53 8.43
N PHE A 36 1.10 -0.14 9.39
CA PHE A 36 1.91 -0.84 10.44
C PHE A 36 2.57 -2.08 9.82
N LEU A 37 1.82 -2.88 9.11
CA LEU A 37 2.37 -4.12 8.46
C LEU A 37 2.94 -3.80 7.06
N LEU A 38 2.41 -2.79 6.40
CA LEU A 38 2.88 -2.39 5.03
C LEU A 38 2.31 -3.32 3.94
N LYS A 39 1.44 -4.25 4.29
CA LYS A 39 0.86 -5.17 3.27
C LYS A 39 -0.62 -4.83 3.03
N CYS A 40 -1.07 -4.85 1.80
CA CYS A 40 -2.51 -4.52 1.47
C CYS A 40 -3.45 -5.46 2.24
N LEU A 41 -4.03 -4.97 3.30
CA LEU A 41 -4.96 -5.79 4.12
C LEU A 41 -6.03 -4.87 4.74
N TYR A 1 -6.99 12.16 -6.16
CA TYR A 1 -6.21 11.10 -5.42
C TYR A 1 -5.12 10.52 -6.34
N GLY A 2 -3.97 10.23 -5.80
CA GLY A 2 -2.86 9.64 -6.64
C GLY A 2 -3.06 8.12 -6.71
N GLN A 3 -3.79 7.65 -7.68
CA GLN A 3 -4.02 6.18 -7.81
C GLN A 3 -2.86 5.51 -8.56
N VAL A 4 -2.42 4.39 -8.06
CA VAL A 4 -1.29 3.65 -8.71
C VAL A 4 -1.82 2.22 -9.04
N PRO A 5 -0.98 1.37 -9.62
CA PRO A 5 -1.40 -0.01 -9.98
C PRO A 5 -1.99 -0.72 -8.77
N MET A 6 -3.12 -1.38 -8.95
CA MET A 6 -3.78 -2.10 -7.82
C MET A 6 -2.88 -3.24 -7.31
N CYS A 7 -2.66 -3.28 -6.03
CA CYS A 7 -1.81 -4.35 -5.42
C CYS A 7 -2.67 -5.56 -5.02
N ASP A 8 -2.04 -6.63 -4.57
CA ASP A 8 -2.81 -7.83 -4.13
C ASP A 8 -3.04 -7.75 -2.61
N ALA A 9 -3.50 -8.83 -2.01
CA ALA A 9 -3.76 -8.81 -0.53
C ALA A 9 -2.44 -8.90 0.25
N GLY A 10 -1.72 -9.99 0.12
CA GLY A 10 -0.43 -10.14 0.87
C GLY A 10 0.72 -9.47 0.10
N GLU A 11 0.60 -8.20 -0.21
CA GLU A 11 1.68 -7.49 -0.95
C GLU A 11 2.02 -6.16 -0.26
N GLN A 12 3.14 -5.56 -0.61
CA GLN A 12 3.53 -4.26 0.01
C GLN A 12 2.98 -3.10 -0.84
N CYS A 13 1.95 -2.45 -0.35
CA CYS A 13 1.34 -1.30 -1.12
C CYS A 13 2.05 0.02 -0.80
N ALA A 14 2.92 0.04 0.18
CA ALA A 14 3.64 1.29 0.56
C ALA A 14 4.83 0.95 1.50
N VAL A 15 5.88 1.73 1.47
CA VAL A 15 7.07 1.44 2.35
C VAL A 15 7.19 2.48 3.48
N ARG A 16 7.46 2.04 4.69
CA ARG A 16 7.60 2.97 5.84
C ARG A 16 9.09 3.21 6.16
N LYS A 17 9.61 4.35 5.78
CA LYS A 17 11.05 4.67 6.06
C LYS A 17 11.21 6.18 6.34
N GLY A 18 11.82 6.53 7.44
CA GLY A 18 12.01 7.97 7.77
C GLY A 18 10.74 8.52 8.43
N ALA A 19 9.75 8.86 7.65
CA ALA A 19 8.47 9.40 8.21
C ALA A 19 7.32 9.18 7.23
N ARG A 20 7.40 9.77 6.05
CA ARG A 20 6.32 9.58 5.03
C ARG A 20 6.33 8.15 4.48
N ILE A 21 5.18 7.56 4.35
CA ILE A 21 5.10 6.17 3.80
C ILE A 21 5.22 6.23 2.27
N GLY A 22 6.07 5.42 1.70
CA GLY A 22 6.24 5.43 0.21
C GLY A 22 5.22 4.49 -0.44
N LYS A 23 4.13 5.02 -0.95
CA LYS A 23 3.10 4.14 -1.60
C LYS A 23 3.66 3.52 -2.88
N LEU A 24 3.26 2.30 -3.17
CA LEU A 24 3.76 1.61 -4.40
C LEU A 24 2.56 1.15 -5.25
N CYS A 25 1.67 0.37 -4.67
CA CYS A 25 0.47 -0.11 -5.43
C CYS A 25 -0.80 0.13 -4.61
N ASP A 26 -1.90 0.43 -5.26
CA ASP A 26 -3.17 0.69 -4.52
C ASP A 26 -3.80 -0.65 -4.09
N CYS A 27 -4.11 -0.78 -2.83
CA CYS A 27 -4.71 -2.06 -2.32
C CYS A 27 -6.01 -2.41 -3.05
N PRO A 28 -6.28 -3.69 -3.16
CA PRO A 28 -7.49 -4.23 -3.82
C PRO A 28 -8.75 -3.64 -3.16
N ARG A 29 -9.75 -3.29 -3.95
CA ARG A 29 -11.01 -2.68 -3.41
C ARG A 29 -11.43 -3.38 -2.11
N GLY A 30 -11.70 -2.61 -1.08
CA GLY A 30 -12.10 -3.19 0.24
C GLY A 30 -10.89 -3.23 1.18
N THR A 31 -9.74 -3.61 0.67
CA THR A 31 -8.51 -3.68 1.52
C THR A 31 -7.81 -2.31 1.57
N SER A 32 -7.16 -2.02 2.66
CA SER A 32 -6.44 -0.71 2.80
C SER A 32 -4.93 -0.94 2.90
N CYS A 33 -4.15 0.11 2.77
CA CYS A 33 -2.67 -0.04 2.87
C CYS A 33 -2.26 0.09 4.36
N ASN A 34 -2.09 -1.02 5.03
CA ASN A 34 -1.71 -0.97 6.48
C ASN A 34 -0.32 -0.34 6.63
N SER A 35 -0.28 0.97 6.71
CA SER A 35 1.03 1.71 6.83
C SER A 35 1.98 1.03 7.85
N PHE A 36 1.48 0.58 8.97
CA PHE A 36 2.36 -0.06 10.00
C PHE A 36 2.92 -1.41 9.49
N LEU A 37 2.15 -2.16 8.73
CA LEU A 37 2.64 -3.47 8.23
C LEU A 37 2.98 -3.38 6.72
N LEU A 38 2.57 -2.32 6.07
CA LEU A 38 2.82 -2.16 4.62
C LEU A 38 2.12 -3.31 3.87
N LYS A 39 0.93 -3.69 4.31
CA LYS A 39 0.19 -4.80 3.63
C LYS A 39 -1.23 -4.34 3.28
N CYS A 40 -1.89 -5.04 2.40
CA CYS A 40 -3.29 -4.65 2.01
C CYS A 40 -4.30 -5.40 2.88
N LEU A 41 -4.84 -4.73 3.87
CA LEU A 41 -5.84 -5.39 4.77
C LEU A 41 -7.20 -4.69 4.64
N TYR A 1 -7.52 7.65 -13.75
CA TYR A 1 -7.11 8.70 -12.76
C TYR A 1 -5.63 8.51 -12.38
N GLY A 2 -5.14 9.29 -11.46
CA GLY A 2 -3.71 9.16 -11.02
C GLY A 2 -3.57 7.90 -10.18
N GLN A 3 -3.70 6.75 -10.79
CA GLN A 3 -3.58 5.47 -10.02
C GLN A 3 -2.43 4.62 -10.57
N VAL A 4 -2.15 3.52 -9.93
CA VAL A 4 -1.04 2.62 -10.36
C VAL A 4 -1.57 1.18 -10.45
N PRO A 5 -0.76 0.25 -10.93
CA PRO A 5 -1.15 -1.17 -11.07
C PRO A 5 -1.72 -1.68 -9.72
N MET A 6 -2.97 -2.04 -9.72
CA MET A 6 -3.63 -2.52 -8.46
C MET A 6 -2.82 -3.64 -7.78
N CYS A 7 -2.72 -3.58 -6.48
CA CYS A 7 -1.96 -4.63 -5.72
C CYS A 7 -2.92 -5.76 -5.32
N ASP A 8 -2.40 -6.84 -4.81
CA ASP A 8 -3.28 -7.97 -4.38
C ASP A 8 -3.64 -7.83 -2.89
N ALA A 9 -4.34 -8.81 -2.34
CA ALA A 9 -4.72 -8.74 -0.90
C ALA A 9 -3.51 -9.07 -0.01
N GLY A 10 -3.26 -8.24 0.97
CA GLY A 10 -2.10 -8.49 1.90
C GLY A 10 -0.77 -8.34 1.17
N GLU A 11 -0.68 -7.47 0.18
CA GLU A 11 0.62 -7.29 -0.54
C GLU A 11 1.21 -5.91 -0.22
N GLN A 12 2.50 -5.72 -0.42
CA GLN A 12 3.15 -4.40 -0.10
C GLN A 12 2.58 -3.29 -0.97
N CYS A 13 2.05 -2.26 -0.36
CA CYS A 13 1.47 -1.11 -1.15
C CYS A 13 2.20 0.20 -0.84
N ALA A 14 2.99 0.24 0.20
CA ALA A 14 3.73 1.50 0.55
C ALA A 14 4.92 1.18 1.47
N VAL A 15 6.00 1.92 1.32
CA VAL A 15 7.20 1.67 2.19
C VAL A 15 7.22 2.69 3.34
N ARG A 16 7.75 2.29 4.47
CA ARG A 16 7.82 3.23 5.65
C ARG A 16 9.29 3.63 5.89
N LYS A 17 9.57 4.91 5.91
CA LYS A 17 10.99 5.37 6.14
C LYS A 17 11.01 6.61 7.03
N GLY A 18 11.64 6.51 8.19
CA GLY A 18 11.73 7.67 9.14
C GLY A 18 10.32 8.15 9.51
N ALA A 19 9.81 9.12 8.79
CA ALA A 19 8.45 9.65 9.06
C ALA A 19 7.69 9.88 7.74
N ARG A 20 8.03 9.14 6.70
CA ARG A 20 7.33 9.33 5.39
C ARG A 20 6.89 7.96 4.83
N ILE A 21 5.79 7.95 4.10
CA ILE A 21 5.28 6.67 3.51
C ILE A 21 5.51 6.68 1.99
N GLY A 22 6.05 5.61 1.45
CA GLY A 22 6.32 5.55 -0.03
C GLY A 22 5.25 4.68 -0.71
N LYS A 23 4.23 5.30 -1.26
CA LYS A 23 3.14 4.53 -1.95
C LYS A 23 3.73 3.76 -3.15
N LEU A 24 3.33 2.52 -3.33
CA LEU A 24 3.87 1.70 -4.46
C LEU A 24 2.73 1.29 -5.41
N CYS A 25 1.73 0.61 -4.92
CA CYS A 25 0.59 0.15 -5.79
C CYS A 25 -0.75 0.53 -5.14
N ASP A 26 -1.85 0.15 -5.75
CA ASP A 26 -3.19 0.49 -5.17
C ASP A 26 -3.79 -0.78 -4.52
N CYS A 27 -4.29 -0.66 -3.30
CA CYS A 27 -4.87 -1.86 -2.61
C CYS A 27 -6.25 -2.21 -3.17
N PRO A 28 -6.47 -3.50 -3.34
CA PRO A 28 -7.74 -4.06 -3.86
C PRO A 28 -8.90 -3.70 -2.92
N ARG A 29 -10.08 -3.48 -3.47
CA ARG A 29 -11.27 -3.12 -2.63
C ARG A 29 -11.39 -4.09 -1.43
N GLY A 30 -11.55 -3.56 -0.25
CA GLY A 30 -11.66 -4.43 0.97
C GLY A 30 -10.32 -4.45 1.71
N THR A 31 -9.23 -4.17 1.02
CA THR A 31 -7.89 -4.17 1.69
C THR A 31 -7.36 -2.73 1.76
N SER A 32 -6.82 -2.34 2.90
CA SER A 32 -6.29 -0.95 3.03
C SER A 32 -4.75 -0.96 3.05
N CYS A 33 -4.15 0.20 2.89
CA CYS A 33 -2.65 0.27 2.92
C CYS A 33 -2.18 0.23 4.38
N ASN A 34 -2.03 -0.96 4.91
CA ASN A 34 -1.59 -1.10 6.34
C ASN A 34 -0.24 -0.40 6.54
N SER A 35 -0.25 0.75 7.17
CA SER A 35 1.02 1.51 7.40
C SER A 35 1.94 0.76 8.38
N PHE A 36 1.37 -0.01 9.29
CA PHE A 36 2.21 -0.77 10.27
C PHE A 36 2.72 -2.08 9.64
N LEU A 37 1.95 -2.66 8.75
CA LEU A 37 2.38 -3.94 8.09
C LEU A 37 2.94 -3.65 6.68
N LEU A 38 2.70 -2.46 6.15
CA LEU A 38 3.19 -2.09 4.79
C LEU A 38 2.55 -2.99 3.72
N LYS A 39 1.39 -3.56 4.00
CA LYS A 39 0.73 -4.44 2.99
C LYS A 39 -0.78 -4.09 2.87
N CYS A 40 -1.38 -4.45 1.75
CA CYS A 40 -2.83 -4.15 1.53
C CYS A 40 -3.71 -5.04 2.44
N LEU A 41 -3.98 -4.59 3.63
CA LEU A 41 -4.83 -5.36 4.57
C LEU A 41 -5.76 -4.39 5.31
N TYR A 1 -0.18 10.11 -11.68
CA TYR A 1 0.37 10.06 -10.28
C TYR A 1 -0.75 9.68 -9.30
N GLY A 2 -0.40 9.29 -8.10
CA GLY A 2 -1.43 8.91 -7.08
C GLY A 2 -1.96 7.50 -7.36
N GLN A 3 -2.56 7.30 -8.51
CA GLN A 3 -3.10 5.96 -8.85
C GLN A 3 -1.96 5.05 -9.32
N VAL A 4 -2.02 3.79 -8.95
CA VAL A 4 -0.95 2.82 -9.32
C VAL A 4 -1.59 1.45 -9.62
N PRO A 5 -0.78 0.51 -10.08
CA PRO A 5 -1.24 -0.86 -10.36
C PRO A 5 -1.88 -1.43 -9.09
N MET A 6 -3.06 -1.99 -9.21
CA MET A 6 -3.77 -2.54 -8.01
C MET A 6 -2.89 -3.55 -7.26
N CYS A 7 -2.72 -3.33 -5.98
CA CYS A 7 -1.88 -4.23 -5.12
C CYS A 7 -2.74 -5.34 -4.50
N ASP A 8 -2.20 -6.01 -3.50
CA ASP A 8 -2.94 -7.12 -2.81
C ASP A 8 -2.45 -7.24 -1.34
N ALA A 9 -2.98 -8.18 -0.60
CA ALA A 9 -2.55 -8.39 0.81
C ALA A 9 -1.12 -8.95 0.85
N GLY A 10 -0.69 -9.60 -0.22
CA GLY A 10 0.68 -10.18 -0.27
C GLY A 10 1.71 -9.09 -0.60
N GLU A 11 1.56 -8.43 -1.73
CA GLU A 11 2.54 -7.37 -2.14
C GLU A 11 2.50 -6.16 -1.17
N GLN A 12 3.49 -5.31 -1.27
CA GLN A 12 3.55 -4.09 -0.41
C GLN A 12 2.82 -2.93 -1.11
N CYS A 13 1.81 -2.38 -0.49
CA CYS A 13 1.06 -1.25 -1.14
C CYS A 13 1.79 0.08 -0.90
N ALA A 14 2.66 0.13 0.06
CA ALA A 14 3.43 1.39 0.35
C ALA A 14 4.55 1.11 1.37
N VAL A 15 5.65 1.82 1.26
CA VAL A 15 6.78 1.61 2.23
C VAL A 15 6.71 2.68 3.33
N ARG A 16 7.10 2.32 4.53
CA ARG A 16 7.07 3.30 5.67
C ARG A 16 8.43 3.28 6.40
N LYS A 17 9.32 4.16 6.03
CA LYS A 17 10.67 4.20 6.69
C LYS A 17 10.89 5.60 7.28
N GLY A 18 10.93 5.70 8.59
CA GLY A 18 11.13 7.02 9.26
C GLY A 18 9.90 7.91 9.01
N ALA A 19 10.10 9.15 8.70
CA ALA A 19 8.94 10.07 8.45
C ALA A 19 8.67 10.18 6.94
N ARG A 20 8.56 9.06 6.26
CA ARG A 20 8.29 9.09 4.79
C ARG A 20 7.57 7.80 4.35
N ILE A 21 6.41 7.94 3.74
CA ILE A 21 5.65 6.75 3.26
C ILE A 21 5.71 6.72 1.72
N GLY A 22 6.10 5.60 1.16
CA GLY A 22 6.19 5.50 -0.33
C GLY A 22 5.11 4.54 -0.86
N LYS A 23 4.07 5.07 -1.44
CA LYS A 23 2.98 4.20 -1.99
C LYS A 23 3.53 3.40 -3.19
N LEU A 24 3.11 2.17 -3.32
CA LEU A 24 3.62 1.32 -4.45
C LEU A 24 2.46 0.90 -5.36
N CYS A 25 1.41 0.33 -4.79
CA CYS A 25 0.25 -0.13 -5.62
C CYS A 25 -1.07 0.16 -4.87
N ASP A 26 -2.14 0.43 -5.59
CA ASP A 26 -3.45 0.72 -4.95
C ASP A 26 -4.02 -0.56 -4.31
N CYS A 27 -4.49 -0.48 -3.09
CA CYS A 27 -5.05 -1.70 -2.42
C CYS A 27 -6.36 -2.12 -3.08
N PRO A 28 -6.55 -3.42 -3.20
CA PRO A 28 -7.78 -4.01 -3.79
C PRO A 28 -9.01 -3.55 -3.00
N ARG A 29 -10.10 -3.23 -3.69
CA ARG A 29 -11.33 -2.76 -2.98
C ARG A 29 -11.64 -3.68 -1.78
N GLY A 30 -11.87 -3.11 -0.64
CA GLY A 30 -12.14 -3.93 0.59
C GLY A 30 -10.87 -3.98 1.46
N THR A 31 -9.72 -3.77 0.88
CA THR A 31 -8.45 -3.80 1.67
C THR A 31 -7.88 -2.37 1.79
N SER A 32 -7.28 -2.06 2.91
CA SER A 32 -6.70 -0.70 3.10
C SER A 32 -5.17 -0.78 3.20
N CYS A 33 -4.49 0.30 2.88
CA CYS A 33 -2.99 0.30 2.97
C CYS A 33 -2.58 0.26 4.45
N ASN A 34 -2.36 -0.92 4.97
CA ASN A 34 -1.96 -1.06 6.41
C ASN A 34 -0.55 -0.49 6.60
N SER A 35 -0.44 0.82 6.65
CA SER A 35 0.91 1.50 6.81
C SER A 35 1.73 0.86 7.95
N PHE A 36 1.08 0.33 8.96
CA PHE A 36 1.84 -0.29 10.09
C PHE A 36 2.51 -1.58 9.59
N LEU A 37 1.79 -2.42 8.89
CA LEU A 37 2.37 -3.70 8.38
C LEU A 37 2.82 -3.55 6.91
N LEU A 38 2.41 -2.48 6.24
CA LEU A 38 2.79 -2.27 4.80
C LEU A 38 2.09 -3.30 3.91
N LYS A 39 0.83 -3.58 4.18
CA LYS A 39 0.08 -4.60 3.36
C LYS A 39 -1.36 -4.10 3.08
N CYS A 40 -2.00 -4.68 2.08
CA CYS A 40 -3.39 -4.27 1.73
C CYS A 40 -4.39 -5.05 2.60
N LEU A 41 -4.69 -4.54 3.76
CA LEU A 41 -5.65 -5.22 4.66
C LEU A 41 -6.47 -4.15 5.39
N TYR A 1 -5.10 9.94 -14.24
CA TYR A 1 -4.29 10.47 -13.11
C TYR A 1 -3.10 9.53 -12.82
N GLY A 2 -2.06 10.04 -12.20
CA GLY A 2 -0.87 9.18 -11.90
C GLY A 2 -1.18 8.24 -10.72
N GLN A 3 -2.02 7.25 -10.95
CA GLN A 3 -2.38 6.29 -9.86
C GLN A 3 -1.40 5.10 -9.88
N VAL A 4 -0.98 4.66 -8.71
CA VAL A 4 -0.05 3.49 -8.65
C VAL A 4 -0.77 2.21 -9.12
N PRO A 5 0.00 1.23 -9.52
CA PRO A 5 -0.54 -0.08 -9.99
C PRO A 5 -1.40 -0.71 -8.89
N MET A 6 -2.40 -1.48 -9.25
CA MET A 6 -3.27 -2.10 -8.20
C MET A 6 -2.49 -3.19 -7.45
N CYS A 7 -2.46 -3.09 -6.13
CA CYS A 7 -1.72 -4.08 -5.31
C CYS A 7 -2.65 -5.23 -4.89
N ASP A 8 -2.08 -6.36 -4.52
CA ASP A 8 -2.91 -7.52 -4.09
C ASP A 8 -3.14 -7.47 -2.56
N ALA A 9 -3.71 -8.51 -1.99
CA ALA A 9 -3.95 -8.53 -0.51
C ALA A 9 -2.66 -8.88 0.23
N GLY A 10 -1.86 -9.77 -0.31
CA GLY A 10 -0.58 -10.15 0.36
C GLY A 10 0.60 -9.53 -0.38
N GLU A 11 0.53 -8.25 -0.67
CA GLU A 11 1.64 -7.57 -1.40
C GLU A 11 2.05 -6.29 -0.68
N GLN A 12 3.17 -5.71 -1.06
CA GLN A 12 3.63 -4.44 -0.42
C GLN A 12 3.01 -3.25 -1.16
N CYS A 13 2.05 -2.59 -0.55
CA CYS A 13 1.39 -1.42 -1.24
C CYS A 13 2.13 -0.12 -0.92
N ALA A 14 2.99 -0.11 0.08
CA ALA A 14 3.72 1.14 0.43
C ALA A 14 4.89 0.82 1.37
N VAL A 15 5.96 1.58 1.29
CA VAL A 15 7.14 1.34 2.17
C VAL A 15 7.03 2.25 3.42
N ARG A 16 7.30 1.70 4.58
CA ARG A 16 7.22 2.49 5.85
C ARG A 16 8.64 2.89 6.28
N LYS A 17 9.01 4.14 6.07
CA LYS A 17 10.38 4.62 6.45
C LYS A 17 10.41 6.15 6.52
N GLY A 18 10.49 6.69 7.72
CA GLY A 18 10.52 8.19 7.89
C GLY A 18 9.11 8.76 7.81
N ALA A 19 8.98 10.07 7.94
CA ALA A 19 7.63 10.72 7.88
C ALA A 19 7.16 10.86 6.41
N ARG A 20 7.19 9.77 5.67
CA ARG A 20 6.75 9.81 4.24
C ARG A 20 6.52 8.37 3.74
N ILE A 21 5.29 7.94 3.70
CA ILE A 21 4.99 6.56 3.24
C ILE A 21 5.22 6.46 1.72
N GLY A 22 6.02 5.52 1.29
CA GLY A 22 6.30 5.36 -0.18
C GLY A 22 5.24 4.44 -0.79
N LYS A 23 4.24 5.01 -1.41
CA LYS A 23 3.16 4.17 -2.03
C LYS A 23 3.72 3.36 -3.21
N LEU A 24 3.40 2.09 -3.27
CA LEU A 24 3.91 1.23 -4.39
C LEU A 24 2.73 0.82 -5.28
N CYS A 25 1.69 0.28 -4.69
CA CYS A 25 0.48 -0.14 -5.48
C CYS A 25 -0.78 0.12 -4.65
N ASP A 26 -1.87 0.44 -5.29
CA ASP A 26 -3.14 0.71 -4.54
C ASP A 26 -3.70 -0.59 -3.97
N CYS A 27 -4.21 -0.54 -2.76
CA CYS A 27 -4.77 -1.79 -2.13
C CYS A 27 -6.09 -2.18 -2.81
N PRO A 28 -6.34 -3.47 -2.84
CA PRO A 28 -7.56 -4.06 -3.44
C PRO A 28 -8.83 -3.43 -2.85
N ARG A 29 -9.79 -3.10 -3.68
CA ARG A 29 -11.07 -2.47 -3.22
C ARG A 29 -11.56 -3.12 -1.92
N GLY A 30 -11.67 -2.33 -0.87
CA GLY A 30 -12.12 -2.87 0.45
C GLY A 30 -10.95 -2.95 1.43
N THR A 31 -9.74 -3.05 0.94
CA THR A 31 -8.54 -3.15 1.85
C THR A 31 -7.70 -1.87 1.77
N SER A 32 -7.03 -1.55 2.85
CA SER A 32 -6.16 -0.33 2.88
C SER A 32 -4.70 -0.74 3.08
N CYS A 33 -3.82 0.21 3.27
CA CYS A 33 -2.38 -0.12 3.49
C CYS A 33 -2.10 -0.03 4.98
N ASN A 34 -2.02 -1.16 5.63
CA ASN A 34 -1.77 -1.19 7.11
C ASN A 34 -0.60 -0.27 7.53
N SER A 35 0.37 -0.05 6.65
CA SER A 35 1.52 0.85 7.00
C SER A 35 2.42 0.17 8.04
N PHE A 36 1.87 -0.22 9.18
CA PHE A 36 2.70 -0.90 10.22
C PHE A 36 3.09 -2.29 9.69
N LEU A 37 2.14 -2.98 9.10
CA LEU A 37 2.45 -4.35 8.53
C LEU A 37 2.89 -4.22 7.06
N LEU A 38 2.72 -3.06 6.46
CA LEU A 38 3.11 -2.83 5.03
C LEU A 38 2.31 -3.77 4.09
N LYS A 39 1.18 -4.26 4.54
CA LYS A 39 0.34 -5.16 3.68
C LYS A 39 -1.06 -4.57 3.52
N CYS A 40 -1.74 -4.92 2.46
CA CYS A 40 -3.12 -4.38 2.24
C CYS A 40 -4.11 -5.10 3.16
N LEU A 41 -4.87 -4.36 3.94
CA LEU A 41 -5.86 -5.00 4.85
C LEU A 41 -7.20 -4.27 4.76
#